data_1GME
#
_entry.id   1GME
#
_cell.length_a   171.645
_cell.length_b   171.645
_cell.length_c   124.157
_cell.angle_alpha   90.00
_cell.angle_beta   90.00
_cell.angle_gamma   120.00
#
_symmetry.space_group_name_H-M   'H 3 2'
#
loop_
_entity.id
_entity.type
_entity.pdbx_description
1 polymer 'HEAT SHOCK PROTEIN 16.9B'
2 water water
#
_entity_poly.entity_id   1
_entity_poly.type   'polypeptide(L)'
_entity_poly.pdbx_seq_one_letter_code
;MSIVRRSNVFDPFADLWADPFDTFRSIVPAISGGGSETAAFANARMDWKETPEAHVFKADLPGVKKEEVKVEVEDGNVLV
VSGERTKEKEDKNDKWHRVERSSGKFVRRFRLLEDAKVEEVKAGLENGVLTVTVPKAEVKKPEVKAIQISG
;
_entity_poly.pdbx_strand_id   A,B,C,D
#
# COMPACT_ATOMS: atom_id res chain seq x y z
N SER A 2 29.57 -3.24 -42.13
CA SER A 2 29.15 -4.39 -41.28
C SER A 2 30.36 -5.05 -40.63
N ILE A 3 31.54 -4.64 -41.06
CA ILE A 3 32.79 -5.19 -40.54
C ILE A 3 33.08 -4.78 -39.09
N VAL A 4 33.12 -5.76 -38.19
CA VAL A 4 33.43 -5.46 -36.79
C VAL A 4 34.93 -5.17 -36.74
N ARG A 5 35.30 -3.98 -36.27
CA ARG A 5 36.72 -3.63 -36.19
C ARG A 5 37.22 -3.42 -34.77
N ARG A 6 36.32 -3.03 -33.87
CA ARG A 6 36.70 -2.83 -32.48
C ARG A 6 35.53 -3.17 -31.57
N SER A 7 35.79 -3.17 -30.26
CA SER A 7 34.74 -3.49 -29.30
C SER A 7 33.72 -2.35 -29.15
N ASN A 8 32.49 -2.73 -28.83
CA ASN A 8 31.39 -1.80 -28.65
C ASN A 8 31.61 -0.99 -27.38
N VAL A 9 31.90 0.30 -27.53
CA VAL A 9 32.12 1.16 -26.37
C VAL A 9 31.08 2.28 -26.37
N PHE A 10 30.16 2.25 -25.43
CA PHE A 10 29.14 3.28 -25.36
C PHE A 10 29.71 4.65 -25.04
N ASP A 11 29.51 5.59 -25.95
CA ASP A 11 29.99 6.95 -25.79
C ASP A 11 28.81 7.89 -25.98
N PRO A 12 28.43 8.63 -24.93
CA PRO A 12 27.30 9.58 -24.98
C PRO A 12 27.51 10.76 -25.91
N PHE A 13 28.74 10.94 -26.38
CA PHE A 13 29.04 12.06 -27.26
C PHE A 13 29.34 11.60 -28.68
N ALA A 14 29.07 10.33 -28.98
CA ALA A 14 29.32 9.81 -30.32
C ALA A 14 28.53 10.65 -31.33
N ASP A 15 28.99 10.66 -32.57
CA ASP A 15 28.36 11.45 -33.61
C ASP A 15 27.06 10.85 -34.13
N LEU A 16 26.82 9.59 -33.83
CA LEU A 16 25.60 8.92 -34.29
C LEU A 16 24.39 9.57 -33.66
N TRP A 17 24.59 10.29 -32.57
CA TRP A 17 23.50 10.95 -31.86
C TRP A 17 23.21 12.35 -32.39
N ALA A 18 24.10 12.89 -33.21
CA ALA A 18 23.92 14.23 -33.75
C ALA A 18 22.76 14.33 -34.75
N ASP A 19 22.44 13.23 -35.44
CA ASP A 19 21.33 13.20 -36.39
C ASP A 19 20.65 11.84 -36.23
N PRO A 20 19.79 11.71 -35.21
CA PRO A 20 19.06 10.49 -34.91
C PRO A 20 18.32 9.89 -36.10
N PHE A 21 17.57 10.71 -36.81
CA PHE A 21 16.82 10.19 -37.94
C PHE A 21 17.71 9.70 -39.06
N ASP A 22 18.80 10.41 -39.35
CA ASP A 22 19.70 9.96 -40.41
C ASP A 22 20.27 8.60 -40.01
N THR A 23 20.70 8.49 -38.76
CA THR A 23 21.22 7.23 -38.22
C THR A 23 20.15 6.14 -38.31
N PHE A 24 18.95 6.48 -37.84
CA PHE A 24 17.82 5.57 -37.86
C PHE A 24 17.61 5.10 -39.30
N ARG A 25 17.36 6.07 -40.16
CA ARG A 25 17.12 5.85 -41.57
C ARG A 25 18.18 4.95 -42.21
N SER A 26 19.43 5.05 -41.75
CA SER A 26 20.52 4.26 -42.31
C SER A 26 20.67 2.82 -41.83
N ILE A 27 20.31 2.54 -40.58
CA ILE A 27 20.45 1.18 -40.05
C ILE A 27 19.22 0.29 -40.18
N VAL A 28 18.04 0.87 -40.23
CA VAL A 28 16.82 0.06 -40.36
C VAL A 28 16.99 -0.96 -41.48
N PRO A 29 17.57 -0.52 -42.62
CA PRO A 29 17.79 -1.42 -43.76
C PRO A 29 18.90 -2.45 -43.53
N ALA A 30 19.70 -2.23 -42.49
CA ALA A 30 20.82 -3.11 -42.17
C ALA A 30 20.59 -3.97 -40.93
N ILE A 31 19.38 -3.95 -40.38
CA ILE A 31 19.09 -4.75 -39.19
C ILE A 31 19.26 -6.24 -39.46
N SER A 32 18.79 -6.68 -40.62
CA SER A 32 18.88 -8.08 -41.00
C SER A 32 20.29 -8.48 -41.41
N GLY A 33 21.29 -7.99 -40.69
CA GLY A 33 22.66 -8.31 -41.02
C GLY A 33 23.60 -8.35 -39.84
N GLY A 34 24.84 -8.76 -40.10
CA GLY A 34 25.83 -8.84 -39.04
C GLY A 34 25.32 -9.65 -37.86
N GLY A 35 25.69 -9.22 -36.67
CA GLY A 35 25.26 -9.90 -35.47
C GLY A 35 24.95 -8.86 -34.42
N SER A 36 24.58 -9.30 -33.23
CA SER A 36 24.27 -8.35 -32.18
C SER A 36 24.54 -8.89 -30.79
N GLU A 37 24.90 -7.98 -29.89
CA GLU A 37 25.17 -8.35 -28.51
C GLU A 37 23.98 -8.00 -27.64
N THR A 38 22.92 -7.48 -28.23
CA THR A 38 21.75 -7.09 -27.44
C THR A 38 21.25 -8.23 -26.56
N ALA A 39 21.22 -9.45 -27.09
CA ALA A 39 20.78 -10.57 -26.27
C ALA A 39 21.66 -10.64 -25.02
N ALA A 40 22.97 -10.68 -25.22
CA ALA A 40 23.92 -10.74 -24.10
C ALA A 40 23.77 -9.54 -23.19
N PHE A 41 23.57 -8.37 -23.79
CA PHE A 41 23.41 -7.14 -23.02
C PHE A 41 22.25 -7.24 -22.04
N ALA A 42 21.22 -7.98 -22.41
CA ALA A 42 20.04 -8.13 -21.56
C ALA A 42 20.36 -8.70 -20.19
N ASN A 43 21.50 -9.40 -20.06
CA ASN A 43 21.90 -9.97 -18.78
C ASN A 43 22.46 -8.92 -17.83
N ALA A 44 22.63 -7.70 -18.34
CA ALA A 44 23.19 -6.63 -17.51
C ALA A 44 22.67 -5.24 -17.88
N ARG A 45 21.38 -5.00 -17.63
CA ARG A 45 20.80 -3.70 -17.90
C ARG A 45 21.57 -2.71 -17.03
N MET A 46 22.05 -1.63 -17.63
CA MET A 46 22.83 -0.66 -16.89
C MET A 46 22.43 0.80 -17.05
N ASP A 47 22.65 1.57 -16.00
CA ASP A 47 22.36 3.00 -16.00
C ASP A 47 23.67 3.73 -15.80
N TRP A 48 23.76 4.93 -16.34
CA TRP A 48 24.95 5.74 -16.19
C TRP A 48 24.49 7.15 -15.86
N LYS A 49 24.80 7.57 -14.64
CA LYS A 49 24.43 8.89 -14.17
C LYS A 49 25.69 9.71 -13.90
N GLU A 50 25.63 11.01 -14.21
CA GLU A 50 26.77 11.86 -13.96
C GLU A 50 26.40 12.97 -12.98
N THR A 51 26.70 12.75 -11.71
CA THR A 51 26.44 13.76 -10.70
C THR A 51 27.66 14.67 -10.83
N PRO A 52 27.61 15.87 -10.26
CA PRO A 52 28.78 16.75 -10.37
C PRO A 52 30.03 16.14 -9.78
N GLU A 53 29.87 15.31 -8.75
CA GLU A 53 30.99 14.67 -8.06
C GLU A 53 31.60 13.43 -8.72
N ALA A 54 30.79 12.64 -9.43
CA ALA A 54 31.31 11.45 -10.06
C ALA A 54 30.36 10.79 -11.06
N HIS A 55 30.86 9.78 -11.75
CA HIS A 55 30.06 9.03 -12.71
C HIS A 55 29.60 7.78 -11.97
N VAL A 56 28.29 7.54 -11.93
CA VAL A 56 27.77 6.38 -11.23
C VAL A 56 27.05 5.41 -12.19
N PHE A 57 27.55 4.17 -12.23
CA PHE A 57 26.97 3.15 -13.10
C PHE A 57 26.26 2.12 -12.24
N LYS A 58 25.11 1.65 -12.73
CA LYS A 58 24.34 0.64 -12.02
C LYS A 58 24.12 -0.52 -12.97
N ALA A 59 24.16 -1.73 -12.45
CA ALA A 59 23.96 -2.89 -13.28
C ALA A 59 23.13 -3.93 -12.55
N ASP A 60 22.02 -4.35 -13.14
CA ASP A 60 21.19 -5.35 -12.50
C ASP A 60 21.83 -6.70 -12.74
N LEU A 61 22.39 -7.27 -11.69
CA LEU A 61 23.03 -8.57 -11.76
C LEU A 61 22.50 -9.43 -10.63
N PRO A 62 21.19 -9.70 -10.64
CA PRO A 62 20.57 -10.52 -9.60
C PRO A 62 21.17 -11.92 -9.46
N GLY A 63 21.38 -12.34 -8.22
CA GLY A 63 21.92 -13.66 -7.94
C GLY A 63 23.35 -13.89 -8.38
N VAL A 64 24.08 -12.82 -8.64
CA VAL A 64 25.47 -12.94 -9.07
C VAL A 64 26.42 -12.71 -7.91
N LYS A 65 27.48 -13.51 -7.86
CA LYS A 65 28.49 -13.38 -6.80
C LYS A 65 29.70 -12.64 -7.36
N LYS A 66 30.32 -11.82 -6.52
CA LYS A 66 31.48 -11.04 -6.92
C LYS A 66 32.56 -11.82 -7.68
N GLU A 67 32.70 -13.11 -7.40
CA GLU A 67 33.69 -13.93 -8.09
C GLU A 67 33.27 -14.19 -9.53
N GLU A 68 32.07 -13.74 -9.89
CA GLU A 68 31.52 -13.95 -11.22
C GLU A 68 31.41 -12.66 -12.03
N VAL A 69 31.72 -11.53 -11.41
CA VAL A 69 31.65 -10.22 -12.08
C VAL A 69 33.02 -9.59 -12.11
N LYS A 70 33.26 -8.76 -13.11
CA LYS A 70 34.57 -8.12 -13.23
C LYS A 70 34.45 -6.68 -13.72
N VAL A 71 35.07 -5.77 -12.97
CA VAL A 71 35.06 -4.35 -13.31
C VAL A 71 36.50 -3.95 -13.56
N GLU A 72 36.82 -3.60 -14.80
CA GLU A 72 38.18 -3.22 -15.16
C GLU A 72 38.18 -1.86 -15.85
N VAL A 73 39.38 -1.34 -16.08
CA VAL A 73 39.55 -0.07 -16.78
C VAL A 73 40.58 -0.30 -17.87
N GLU A 74 40.25 0.08 -19.10
CA GLU A 74 41.14 -0.11 -20.22
C GLU A 74 41.49 1.20 -20.88
N ASP A 75 42.69 1.25 -21.46
CA ASP A 75 43.18 2.42 -22.16
C ASP A 75 42.82 3.73 -21.48
N GLY A 76 43.03 3.77 -20.16
CA GLY A 76 42.77 4.98 -19.40
C GLY A 76 41.35 5.49 -19.21
N ASN A 77 40.50 5.40 -20.23
CA ASN A 77 39.14 5.91 -20.10
C ASN A 77 37.99 4.98 -20.50
N VAL A 78 38.17 3.67 -20.37
CA VAL A 78 37.12 2.75 -20.74
C VAL A 78 36.72 1.78 -19.63
N LEU A 79 35.55 2.04 -19.04
CA LEU A 79 35.06 1.20 -17.97
C LEU A 79 34.57 -0.08 -18.63
N VAL A 80 34.90 -1.23 -18.04
CA VAL A 80 34.48 -2.50 -18.59
C VAL A 80 33.82 -3.35 -17.53
N VAL A 81 32.60 -3.81 -17.81
CA VAL A 81 31.88 -4.67 -16.88
C VAL A 81 31.54 -5.97 -17.60
N SER A 82 31.95 -7.09 -17.02
CA SER A 82 31.69 -8.40 -17.61
C SER A 82 31.49 -9.47 -16.55
N GLY A 83 31.03 -10.64 -16.97
CA GLY A 83 30.81 -11.72 -16.03
C GLY A 83 29.96 -12.84 -16.58
N GLU A 84 29.45 -13.67 -15.67
CA GLU A 84 28.61 -14.79 -16.03
C GLU A 84 28.07 -15.47 -14.77
N ARG A 85 26.76 -15.39 -14.57
CA ARG A 85 26.14 -16.00 -13.39
C ARG A 85 26.36 -17.50 -13.44
N THR A 86 26.89 -18.05 -12.36
CA THR A 86 27.19 -19.47 -12.27
C THR A 86 25.93 -20.32 -12.24
N LYS A 87 26.09 -21.60 -12.53
CA LYS A 87 24.97 -22.54 -12.50
C LYS A 87 24.60 -22.73 -11.04
N GLU A 88 23.30 -22.67 -10.75
CA GLU A 88 22.84 -22.85 -9.38
C GLU A 88 23.09 -24.32 -9.03
N LYS A 89 24.04 -24.57 -8.15
CA LYS A 89 24.37 -25.91 -7.71
C LYS A 89 23.23 -26.48 -6.89
N GLU A 90 22.02 -26.28 -7.40
CA GLU A 90 20.81 -26.75 -6.72
C GLU A 90 20.47 -28.18 -7.13
N ASP A 91 19.76 -28.85 -6.24
CA ASP A 91 19.34 -30.23 -6.40
C ASP A 91 19.32 -30.76 -7.82
N LYS A 92 20.31 -31.58 -8.16
CA LYS A 92 20.37 -32.18 -9.50
C LYS A 92 19.23 -33.21 -9.43
N ASN A 93 18.31 -33.13 -10.38
CA ASN A 93 17.14 -34.02 -10.51
C ASN A 93 15.82 -33.26 -10.35
N ASP A 94 15.90 -32.01 -9.90
CA ASP A 94 14.68 -31.21 -9.71
C ASP A 94 13.88 -31.11 -11.00
N LYS A 95 12.58 -30.88 -10.86
CA LYS A 95 11.73 -30.73 -12.02
C LYS A 95 11.56 -29.25 -12.32
N TRP A 96 11.88 -28.85 -13.55
CA TRP A 96 11.76 -27.46 -13.95
C TRP A 96 10.43 -27.18 -14.63
N HIS A 97 9.47 -26.62 -13.89
CA HIS A 97 8.16 -26.29 -14.45
C HIS A 97 8.26 -25.08 -15.36
N ARG A 98 8.93 -24.03 -14.90
CA ARG A 98 9.07 -22.81 -15.67
C ARG A 98 10.40 -22.14 -15.39
N VAL A 99 11.08 -21.70 -16.45
CA VAL A 99 12.38 -21.05 -16.31
C VAL A 99 12.46 -19.78 -17.15
N GLU A 100 12.40 -18.64 -16.49
CA GLU A 100 12.49 -17.36 -17.19
C GLU A 100 13.87 -16.77 -16.96
N ARG A 101 14.35 -16.89 -15.73
CA ARG A 101 15.67 -16.38 -15.37
C ARG A 101 16.69 -17.20 -16.13
N SER A 102 17.24 -16.62 -17.19
CA SER A 102 18.21 -17.32 -18.01
C SER A 102 19.34 -16.36 -18.38
N SER A 103 20.31 -16.22 -17.50
CA SER A 103 21.45 -15.32 -17.73
C SER A 103 22.69 -16.02 -18.28
N GLY A 104 23.53 -15.27 -18.98
CA GLY A 104 24.74 -15.83 -19.56
C GLY A 104 25.91 -14.87 -19.53
N LYS A 105 26.96 -15.18 -20.29
CA LYS A 105 28.14 -14.36 -20.36
C LYS A 105 27.82 -13.02 -21.01
N PHE A 106 28.62 -11.99 -20.70
CA PHE A 106 28.41 -10.65 -21.26
C PHE A 106 29.56 -9.71 -20.94
N VAL A 107 29.79 -8.73 -21.80
CA VAL A 107 30.82 -7.71 -21.58
C VAL A 107 30.31 -6.35 -22.06
N ARG A 108 30.50 -5.33 -21.22
CA ARG A 108 30.04 -3.99 -21.53
C ARG A 108 31.14 -2.95 -21.34
N ARG A 109 31.17 -1.95 -22.20
CA ARG A 109 32.17 -0.90 -22.11
C ARG A 109 31.60 0.50 -22.29
N PHE A 110 32.13 1.44 -21.51
CA PHE A 110 31.70 2.84 -21.59
C PHE A 110 32.91 3.75 -21.72
N ARG A 111 32.79 4.79 -22.54
CA ARG A 111 33.90 5.71 -22.70
C ARG A 111 33.75 6.87 -21.74
N LEU A 112 34.60 6.89 -20.72
CA LEU A 112 34.59 7.95 -19.72
C LEU A 112 34.98 9.26 -20.38
N LEU A 113 34.49 10.36 -19.84
CA LEU A 113 34.78 11.68 -20.40
C LEU A 113 36.20 12.10 -20.07
N GLU A 114 36.76 11.53 -19.01
CA GLU A 114 38.12 11.83 -18.58
C GLU A 114 38.80 10.59 -18.03
N ASP A 115 40.10 10.49 -18.23
CA ASP A 115 40.86 9.35 -17.73
C ASP A 115 40.59 9.24 -16.23
N ALA A 116 40.23 8.03 -15.79
CA ALA A 116 39.91 7.81 -14.40
C ALA A 116 41.11 7.42 -13.55
N LYS A 117 41.10 7.83 -12.29
CA LYS A 117 42.15 7.49 -11.35
C LYS A 117 41.74 6.14 -10.77
N VAL A 118 42.11 5.09 -11.47
CA VAL A 118 41.77 3.72 -11.09
C VAL A 118 41.80 3.37 -9.60
N GLU A 119 42.66 4.01 -8.81
CA GLU A 119 42.70 3.68 -7.39
C GLU A 119 41.57 4.32 -6.62
N GLU A 120 40.84 5.22 -7.28
CA GLU A 120 39.73 5.92 -6.66
C GLU A 120 38.36 5.36 -7.06
N VAL A 121 38.36 4.46 -8.03
CA VAL A 121 37.13 3.83 -8.50
C VAL A 121 36.63 2.82 -7.47
N LYS A 122 35.37 2.98 -7.05
CA LYS A 122 34.75 2.08 -6.07
C LYS A 122 33.70 1.20 -6.75
N ALA A 123 33.64 -0.07 -6.36
CA ALA A 123 32.69 -1.01 -6.93
C ALA A 123 32.09 -1.89 -5.85
N GLY A 124 30.77 -1.85 -5.72
CA GLY A 124 30.11 -2.65 -4.71
C GLY A 124 28.94 -3.45 -5.26
N LEU A 125 28.74 -4.63 -4.71
CA LEU A 125 27.65 -5.49 -5.15
C LEU A 125 26.69 -5.66 -3.97
N GLU A 126 25.42 -5.34 -4.18
CA GLU A 126 24.44 -5.46 -3.12
C GLU A 126 23.01 -5.59 -3.64
N ASN A 127 22.28 -6.55 -3.09
CA ASN A 127 20.89 -6.80 -3.49
C ASN A 127 20.76 -6.93 -5.00
N GLY A 128 21.69 -7.67 -5.60
CA GLY A 128 21.67 -7.90 -7.03
C GLY A 128 22.06 -6.73 -7.91
N VAL A 129 22.47 -5.62 -7.30
CA VAL A 129 22.84 -4.44 -8.06
C VAL A 129 24.31 -4.04 -7.93
N LEU A 130 25.00 -4.04 -9.06
CA LEU A 130 26.41 -3.68 -9.08
C LEU A 130 26.47 -2.16 -9.21
N THR A 131 27.35 -1.52 -8.46
CA THR A 131 27.48 -0.08 -8.52
C THR A 131 28.94 0.30 -8.67
N VAL A 132 29.23 1.08 -9.72
CA VAL A 132 30.59 1.50 -9.98
C VAL A 132 30.63 3.02 -9.95
N THR A 133 31.35 3.57 -8.97
CA THR A 133 31.45 5.03 -8.85
C THR A 133 32.83 5.49 -9.33
N VAL A 134 32.85 6.46 -10.24
CA VAL A 134 34.11 6.98 -10.76
C VAL A 134 34.22 8.46 -10.44
N PRO A 135 35.07 8.80 -9.46
CA PRO A 135 35.30 10.18 -9.02
C PRO A 135 35.88 11.07 -10.11
N LYS A 136 35.24 12.22 -10.35
CA LYS A 136 35.73 13.14 -11.35
C LYS A 136 36.63 14.17 -10.67
N ALA A 137 37.32 14.97 -11.46
CA ALA A 137 38.19 16.01 -10.93
C ALA A 137 37.38 17.29 -10.73
N GLU A 138 37.79 18.11 -9.76
CA GLU A 138 37.08 19.36 -9.46
C GLU A 138 37.16 20.42 -10.55
N VAL A 139 36.05 21.12 -10.73
CA VAL A 139 35.92 22.20 -11.70
C VAL A 139 34.73 23.05 -11.26
N LYS A 140 34.81 24.36 -11.52
CA LYS A 140 33.73 25.28 -11.14
C LYS A 140 32.61 25.35 -12.16
N LYS A 141 32.49 24.35 -13.03
CA LYS A 141 31.44 24.35 -14.03
C LYS A 141 31.55 25.73 -14.63
N PRO A 142 32.74 26.05 -15.20
CA PRO A 142 33.15 27.30 -15.84
C PRO A 142 32.14 28.42 -16.06
N GLU A 143 31.18 28.52 -15.16
CA GLU A 143 30.11 29.51 -15.24
C GLU A 143 29.39 29.45 -16.59
N VAL A 144 28.11 29.83 -16.61
CA VAL A 144 27.34 29.82 -17.84
C VAL A 144 27.26 31.23 -18.40
N LYS A 145 27.61 31.38 -19.67
CA LYS A 145 27.59 32.68 -20.31
C LYS A 145 26.25 32.90 -21.01
N ALA A 146 25.60 34.02 -20.69
CA ALA A 146 24.31 34.35 -21.27
C ALA A 146 24.45 35.51 -22.25
N ILE A 147 24.10 35.24 -23.51
CA ILE A 147 24.19 36.25 -24.56
C ILE A 147 22.89 37.01 -24.77
N GLN A 148 22.95 38.33 -24.70
CA GLN A 148 21.76 39.15 -24.90
C GLN A 148 21.45 39.11 -26.39
N ILE A 149 20.19 38.79 -26.71
CA ILE A 149 19.77 38.68 -28.11
C ILE A 149 19.37 40.01 -28.72
N SER A 150 20.22 40.52 -29.59
CA SER A 150 19.93 41.78 -30.27
C SER A 150 18.79 41.54 -31.26
N GLY A 151 18.54 42.53 -32.11
CA GLY A 151 17.49 42.41 -33.10
C GLY A 151 16.14 42.67 -32.46
N ASN B 43 8.53 -6.01 -14.82
CA ASN B 43 8.74 -7.43 -15.21
C ASN B 43 9.72 -8.16 -14.29
N ALA B 44 9.19 -8.98 -13.39
CA ALA B 44 10.03 -9.74 -12.48
C ALA B 44 10.13 -11.17 -13.02
N ARG B 45 11.34 -11.57 -13.39
CA ARG B 45 11.55 -12.92 -13.94
C ARG B 45 11.53 -13.95 -12.84
N MET B 46 10.74 -15.01 -13.05
CA MET B 46 10.59 -16.06 -12.07
C MET B 46 10.72 -17.48 -12.60
N ASP B 47 11.36 -18.33 -11.81
CA ASP B 47 11.51 -19.74 -12.14
C ASP B 47 10.59 -20.51 -11.23
N TRP B 48 10.15 -21.67 -11.69
CA TRP B 48 9.27 -22.53 -10.92
C TRP B 48 9.79 -23.96 -11.01
N LYS B 49 10.45 -24.40 -9.94
CA LYS B 49 11.01 -25.74 -9.87
C LYS B 49 10.29 -26.54 -8.81
N GLU B 50 10.34 -27.86 -8.93
CA GLU B 50 9.68 -28.74 -7.98
C GLU B 50 10.66 -29.75 -7.39
N THR B 51 10.70 -29.81 -6.07
CA THR B 51 11.57 -30.75 -5.37
C THR B 51 10.63 -31.81 -4.80
N PRO B 52 11.21 -32.94 -4.35
CA PRO B 52 10.32 -33.97 -3.79
C PRO B 52 9.54 -33.42 -2.60
N GLU B 53 10.11 -32.43 -1.91
CA GLU B 53 9.50 -31.83 -0.74
C GLU B 53 8.63 -30.61 -0.99
N ALA B 54 8.95 -29.81 -2.01
CA ALA B 54 8.17 -28.61 -2.27
C ALA B 54 8.38 -27.96 -3.63
N HIS B 55 7.47 -27.05 -3.97
CA HIS B 55 7.56 -26.29 -5.20
C HIS B 55 8.31 -25.03 -4.82
N VAL B 56 9.39 -24.75 -5.54
CA VAL B 56 10.22 -23.60 -5.25
C VAL B 56 10.16 -22.55 -6.35
N PHE B 57 9.90 -21.31 -5.95
CA PHE B 57 9.82 -20.20 -6.90
C PHE B 57 10.98 -19.22 -6.66
N LYS B 58 11.56 -18.75 -7.76
CA LYS B 58 12.67 -17.79 -7.69
C LYS B 58 12.27 -16.54 -8.46
N ALA B 59 12.71 -15.37 -8.01
CA ALA B 59 12.37 -14.13 -8.68
C ALA B 59 13.52 -13.14 -8.65
N ASP B 60 13.91 -12.62 -9.81
CA ASP B 60 14.98 -11.64 -9.86
C ASP B 60 14.37 -10.32 -9.43
N LEU B 61 14.87 -9.76 -8.34
CA LEU B 61 14.38 -8.49 -7.82
C LEU B 61 15.54 -7.61 -7.42
N PRO B 62 16.48 -7.36 -8.35
CA PRO B 62 17.61 -6.52 -7.99
C PRO B 62 17.19 -5.15 -7.48
N GLY B 63 17.91 -4.64 -6.49
CA GLY B 63 17.62 -3.33 -5.94
C GLY B 63 16.32 -3.19 -5.17
N VAL B 64 15.78 -4.30 -4.67
CA VAL B 64 14.54 -4.24 -3.91
C VAL B 64 14.77 -4.69 -2.48
N LYS B 65 14.42 -3.83 -1.52
CA LYS B 65 14.59 -4.17 -0.12
C LYS B 65 13.37 -5.00 0.31
N LYS B 66 13.56 -5.90 1.27
CA LYS B 66 12.48 -6.75 1.75
C LYS B 66 11.25 -5.99 2.23
N GLU B 67 11.38 -4.68 2.44
CA GLU B 67 10.25 -3.88 2.90
C GLU B 67 9.39 -3.44 1.72
N GLU B 68 9.89 -3.69 0.51
CA GLU B 68 9.17 -3.31 -0.71
C GLU B 68 8.57 -4.51 -1.41
N VAL B 69 8.79 -5.70 -0.87
CA VAL B 69 8.25 -6.92 -1.47
C VAL B 69 7.19 -7.52 -0.56
N LYS B 70 6.16 -8.08 -1.18
CA LYS B 70 5.08 -8.71 -0.43
C LYS B 70 4.84 -10.12 -0.99
N VAL B 71 4.77 -11.10 -0.10
CA VAL B 71 4.53 -12.48 -0.52
C VAL B 71 3.24 -12.97 0.15
N GLU B 72 2.24 -13.29 -0.64
CA GLU B 72 0.98 -13.75 -0.07
C GLU B 72 0.34 -14.92 -0.82
N VAL B 73 -0.77 -15.38 -0.25
CA VAL B 73 -1.56 -16.47 -0.81
C VAL B 73 -3.00 -15.97 -0.84
N GLU B 74 -3.50 -15.67 -2.03
CA GLU B 74 -4.87 -15.19 -2.20
C GLU B 74 -5.79 -16.34 -2.55
N ASP B 75 -7.09 -16.09 -2.44
CA ASP B 75 -8.13 -17.07 -2.75
C ASP B 75 -7.82 -18.48 -2.26
N GLY B 76 -7.01 -18.59 -1.22
CA GLY B 76 -6.67 -19.88 -0.67
C GLY B 76 -5.54 -20.65 -1.34
N ASN B 77 -5.35 -20.47 -2.65
CA ASN B 77 -4.31 -21.21 -3.33
C ASN B 77 -3.57 -20.48 -4.45
N VAL B 78 -3.54 -19.15 -4.38
CA VAL B 78 -2.83 -18.38 -5.41
C VAL B 78 -1.68 -17.59 -4.80
N LEU B 79 -0.45 -17.99 -5.13
CA LEU B 79 0.74 -17.32 -4.64
C LEU B 79 0.87 -15.96 -5.34
N VAL B 80 0.98 -14.90 -4.55
CA VAL B 80 1.10 -13.56 -5.13
C VAL B 80 2.37 -12.86 -4.65
N VAL B 81 3.26 -12.60 -5.60
CA VAL B 81 4.52 -11.92 -5.32
C VAL B 81 4.41 -10.54 -5.95
N SER B 82 4.47 -9.50 -5.13
CA SER B 82 4.36 -8.15 -5.66
C SER B 82 5.18 -7.16 -4.84
N GLY B 83 5.41 -5.99 -5.42
CA GLY B 83 6.19 -4.97 -4.75
C GLY B 83 6.53 -3.88 -5.73
N GLU B 84 7.47 -3.02 -5.36
CA GLU B 84 7.87 -1.92 -6.24
C GLU B 84 9.37 -1.74 -6.27
N ARG B 85 9.87 -1.42 -7.46
CA ARG B 85 11.30 -1.18 -7.65
C ARG B 85 11.38 0.34 -7.76
N THR B 86 11.47 0.98 -6.60
CA THR B 86 11.50 2.43 -6.52
C THR B 86 12.51 3.14 -7.42
N LYS B 87 12.01 4.16 -8.14
CA LYS B 87 12.84 4.94 -9.04
C LYS B 87 13.57 6.00 -8.22
N GLU B 88 14.88 6.08 -8.40
CA GLU B 88 15.72 7.03 -7.67
C GLU B 88 15.74 8.38 -8.39
N LYS B 89 14.60 9.05 -8.44
CA LYS B 89 14.47 10.33 -9.11
C LYS B 89 15.61 11.34 -8.93
N GLU B 90 16.06 11.53 -7.70
CA GLU B 90 17.17 12.44 -7.41
C GLU B 90 16.95 13.93 -7.74
N ASP B 91 18.06 14.62 -8.03
CA ASP B 91 18.04 16.04 -8.34
C ASP B 91 18.39 16.39 -9.77
N LYS B 92 18.10 17.64 -10.16
CA LYS B 92 18.36 18.12 -11.52
C LYS B 92 19.83 18.42 -11.77
N ASN B 93 20.64 18.39 -10.72
CA ASN B 93 22.07 18.64 -10.87
C ASN B 93 22.65 17.47 -11.66
N ASP B 94 22.00 16.32 -11.56
CA ASP B 94 22.42 15.10 -12.22
C ASP B 94 22.18 15.11 -13.72
N LYS B 95 22.84 14.19 -14.41
CA LYS B 95 22.76 14.08 -15.86
C LYS B 95 22.75 12.60 -16.23
N TRP B 96 21.77 12.16 -17.00
CA TRP B 96 21.69 10.75 -17.38
C TRP B 96 22.21 10.46 -18.78
N HIS B 97 23.24 9.61 -18.86
CA HIS B 97 23.84 9.25 -20.13
C HIS B 97 23.28 7.94 -20.67
N ARG B 98 22.74 7.13 -19.79
CA ARG B 98 22.17 5.85 -20.20
C ARG B 98 21.18 5.36 -19.15
N VAL B 99 20.07 4.81 -19.62
CA VAL B 99 19.05 4.29 -18.71
C VAL B 99 18.44 3.05 -19.32
N GLU B 100 18.72 1.89 -18.72
CA GLU B 100 18.19 0.62 -19.22
C GLU B 100 17.45 -0.13 -18.15
N ARG B 101 17.71 0.22 -16.90
CA ARG B 101 17.07 -0.46 -15.80
C ARG B 101 15.63 0.02 -15.59
N SER B 102 14.73 -0.91 -15.34
CA SER B 102 13.33 -0.57 -15.14
C SER B 102 13.02 -0.28 -13.67
N SER B 103 11.87 0.33 -13.44
CA SER B 103 11.44 0.66 -12.10
C SER B 103 9.91 0.63 -12.08
N GLY B 104 9.33 0.65 -10.90
CA GLY B 104 7.89 0.63 -10.81
C GLY B 104 7.35 -0.60 -10.10
N LYS B 105 6.07 -0.86 -10.31
CA LYS B 105 5.40 -2.00 -9.69
C LYS B 105 5.54 -3.29 -10.47
N PHE B 106 5.55 -4.41 -9.75
CA PHE B 106 5.62 -5.73 -10.36
C PHE B 106 4.63 -6.65 -9.64
N VAL B 107 4.03 -7.56 -10.40
CA VAL B 107 3.05 -8.49 -9.84
C VAL B 107 3.18 -9.86 -10.46
N ARG B 108 3.29 -10.90 -9.63
CA ARG B 108 3.39 -12.26 -10.15
C ARG B 108 2.49 -13.23 -9.40
N ARG B 109 1.74 -14.03 -10.15
CA ARG B 109 0.81 -14.99 -9.56
C ARG B 109 0.95 -16.41 -10.08
N PHE B 110 1.00 -17.37 -9.16
CA PHE B 110 1.08 -18.78 -9.52
C PHE B 110 -0.02 -19.48 -8.76
N ARG B 111 -0.65 -20.46 -9.38
CA ARG B 111 -1.70 -21.21 -8.70
C ARG B 111 -1.11 -22.45 -8.05
N LEU B 112 -1.14 -22.47 -6.72
CA LEU B 112 -0.60 -23.60 -5.96
C LEU B 112 -1.63 -24.73 -5.96
N LEU B 113 -1.26 -25.87 -5.40
CA LEU B 113 -2.16 -27.02 -5.33
C LEU B 113 -3.22 -26.81 -4.25
N GLU B 114 -4.43 -27.31 -4.52
CA GLU B 114 -5.53 -27.20 -3.56
C GLU B 114 -5.14 -27.86 -2.24
N ASP B 115 -4.03 -28.59 -2.25
CA ASP B 115 -3.54 -29.27 -1.06
C ASP B 115 -2.04 -28.98 -0.87
N ALA B 116 -1.74 -27.72 -0.55
CA ALA B 116 -0.37 -27.30 -0.33
C ALA B 116 -0.26 -26.69 1.05
N LYS B 117 0.89 -26.87 1.69
CA LYS B 117 1.11 -26.34 3.02
C LYS B 117 1.11 -24.81 3.02
N VAL B 118 -0.04 -24.23 2.71
CA VAL B 118 -0.21 -22.78 2.65
C VAL B 118 0.29 -22.05 3.90
N GLU B 119 0.25 -22.71 5.04
CA GLU B 119 0.71 -22.10 6.29
C GLU B 119 2.20 -22.32 6.49
N GLU B 120 2.82 -23.11 5.61
CA GLU B 120 4.25 -23.39 5.72
C GLU B 120 5.11 -22.80 4.61
N VAL B 121 4.57 -21.82 3.89
CA VAL B 121 5.31 -21.18 2.81
C VAL B 121 6.37 -20.24 3.37
N LYS B 122 7.60 -20.40 2.92
CA LYS B 122 8.67 -19.53 3.38
C LYS B 122 9.07 -18.61 2.23
N ALA B 123 9.68 -17.48 2.57
CA ALA B 123 10.12 -16.53 1.57
C ALA B 123 11.43 -15.90 1.99
N GLY B 124 12.45 -16.09 1.18
CA GLY B 124 13.76 -15.53 1.48
C GLY B 124 14.20 -14.57 0.39
N LEU B 125 14.97 -13.56 0.76
CA LEU B 125 15.46 -12.58 -0.20
C LEU B 125 16.94 -12.34 0.02
N GLU B 126 17.75 -12.66 -0.99
CA GLU B 126 19.19 -12.47 -0.90
C GLU B 126 19.83 -12.25 -2.25
N ASN B 127 20.74 -11.29 -2.31
CA ASN B 127 21.46 -10.96 -3.55
C ASN B 127 20.51 -10.69 -4.72
N GLY B 128 19.46 -9.93 -4.47
CA GLY B 128 18.51 -9.59 -5.52
C GLY B 128 17.65 -10.72 -6.02
N VAL B 129 17.66 -11.86 -5.33
CA VAL B 129 16.84 -13.00 -5.73
C VAL B 129 15.91 -13.44 -4.63
N LEU B 130 14.62 -13.49 -4.94
CA LEU B 130 13.60 -13.91 -3.98
C LEU B 130 13.32 -15.39 -4.15
N THR B 131 13.20 -16.11 -3.04
CA THR B 131 12.92 -17.54 -3.09
C THR B 131 11.73 -17.87 -2.21
N VAL B 132 10.72 -18.52 -2.81
CA VAL B 132 9.53 -18.90 -2.08
C VAL B 132 9.43 -20.42 -2.08
N THR B 133 9.30 -21.01 -0.89
CA THR B 133 9.22 -22.45 -0.76
C THR B 133 7.84 -22.90 -0.32
N VAL B 134 7.11 -23.53 -1.23
CA VAL B 134 5.77 -24.02 -0.92
C VAL B 134 5.79 -25.52 -0.68
N PRO B 135 5.79 -25.93 0.59
CA PRO B 135 5.80 -27.35 0.99
C PRO B 135 4.67 -28.15 0.36
N LYS B 136 4.96 -29.38 -0.05
CA LYS B 136 3.95 -30.23 -0.66
C LYS B 136 3.29 -31.10 0.41
N ALA B 137 2.00 -31.36 0.24
CA ALA B 137 1.24 -32.16 1.19
C ALA B 137 1.99 -33.42 1.59
N GLU B 138 2.64 -34.05 0.62
CA GLU B 138 3.38 -35.28 0.90
C GLU B 138 4.59 -35.44 -0.01
N VAL B 139 5.78 -35.40 0.59
CA VAL B 139 7.04 -35.54 -0.12
C VAL B 139 6.96 -36.65 -1.15
N LYS B 140 7.37 -36.36 -2.38
CA LYS B 140 7.31 -37.35 -3.46
C LYS B 140 7.85 -36.82 -4.78
N LYS B 141 9.06 -37.24 -5.15
CA LYS B 141 9.66 -36.79 -6.40
C LYS B 141 8.70 -37.07 -7.56
N PRO B 142 8.62 -36.13 -8.52
CA PRO B 142 7.74 -36.28 -9.68
C PRO B 142 8.22 -37.38 -10.63
N GLU B 143 7.27 -38.04 -11.29
CA GLU B 143 7.60 -39.11 -12.22
C GLU B 143 8.22 -38.57 -13.50
N VAL B 144 9.49 -38.89 -13.72
CA VAL B 144 10.21 -38.43 -14.91
C VAL B 144 11.17 -39.51 -15.41
N LYS B 145 10.97 -39.97 -16.64
CA LYS B 145 11.82 -41.00 -17.22
C LYS B 145 12.87 -40.39 -18.15
N ALA B 146 14.13 -40.42 -17.70
CA ALA B 146 15.23 -39.85 -18.49
C ALA B 146 15.59 -40.74 -19.67
N ILE B 147 16.20 -40.14 -20.69
CA ILE B 147 16.60 -40.84 -21.88
C ILE B 147 18.08 -40.59 -22.15
N GLN B 148 18.76 -41.56 -22.78
CA GLN B 148 20.18 -41.45 -23.07
C GLN B 148 20.47 -40.64 -24.33
N ILE B 149 21.50 -39.80 -24.24
CA ILE B 149 21.91 -38.97 -25.37
C ILE B 149 23.26 -39.47 -25.85
N SER B 150 23.45 -39.49 -27.18
CA SER B 150 24.70 -39.97 -27.77
C SER B 150 24.71 -39.65 -29.26
N GLY B 151 24.08 -40.55 -30.03
CA GLY B 151 23.95 -40.46 -31.48
C GLY B 151 24.75 -39.51 -32.36
N SER C 2 -35.44 29.83 21.72
CA SER C 2 -34.70 28.87 22.59
C SER C 2 -35.67 27.84 23.17
N ILE C 3 -36.96 28.08 23.02
CA ILE C 3 -37.97 27.15 23.51
C ILE C 3 -37.95 25.87 22.67
N VAL C 4 -37.60 24.74 23.28
CA VAL C 4 -37.61 23.49 22.54
C VAL C 4 -39.06 23.04 22.47
N ARG C 5 -39.56 22.79 21.27
CA ARG C 5 -40.95 22.36 21.15
C ARG C 5 -41.11 21.09 20.36
N ARG C 6 -40.08 20.71 19.62
CA ARG C 6 -40.16 19.52 18.79
C ARG C 6 -38.81 18.81 18.72
N SER C 7 -38.82 17.54 18.33
CA SER C 7 -37.58 16.78 18.21
C SER C 7 -36.90 17.24 16.92
N ASN C 8 -35.57 17.20 16.90
CA ASN C 8 -34.81 17.65 15.74
C ASN C 8 -34.85 16.65 14.59
N VAL C 9 -35.47 17.07 13.48
CA VAL C 9 -35.57 16.22 12.30
C VAL C 9 -34.82 16.86 11.15
N PHE C 10 -33.77 16.21 10.68
CA PHE C 10 -33.01 16.76 9.57
C PHE C 10 -33.82 16.65 8.29
N ASP C 11 -34.15 17.80 7.71
CA ASP C 11 -34.93 17.84 6.48
C ASP C 11 -34.13 18.61 5.44
N PRO C 12 -33.61 17.90 4.42
CA PRO C 12 -32.83 18.56 3.38
C PRO C 12 -33.62 19.61 2.59
N PHE C 13 -34.89 19.80 2.96
CA PHE C 13 -35.74 20.78 2.28
C PHE C 13 -36.26 21.88 3.18
N ALA C 14 -35.79 21.95 4.42
CA ALA C 14 -36.24 22.98 5.33
C ALA C 14 -35.95 24.36 4.78
N ASP C 15 -36.69 25.36 5.25
CA ASP C 15 -36.51 26.72 4.78
C ASP C 15 -35.20 27.40 5.18
N LEU C 16 -34.49 26.86 6.16
CA LEU C 16 -33.26 27.51 6.58
C LEU C 16 -32.14 27.39 5.53
N TRP C 17 -32.32 26.53 4.54
CA TRP C 17 -31.33 26.34 3.48
C TRP C 17 -31.57 27.24 2.26
N ALA C 18 -32.64 28.05 2.30
CA ALA C 18 -32.95 28.92 1.18
C ALA C 18 -32.07 30.17 1.16
N ASP C 19 -31.65 30.62 2.35
CA ASP C 19 -30.79 31.79 2.50
C ASP C 19 -29.73 31.44 3.54
N PRO C 20 -28.82 30.51 3.20
CA PRO C 20 -27.75 30.07 4.10
C PRO C 20 -27.10 31.21 4.89
N PHE C 21 -26.64 32.22 4.17
CA PHE C 21 -25.98 33.34 4.83
C PHE C 21 -26.87 34.04 5.85
N ASP C 22 -28.15 34.23 5.52
CA ASP C 22 -29.05 34.87 6.46
C ASP C 22 -29.18 34.00 7.71
N THR C 23 -29.39 32.70 7.51
CA THR C 23 -29.51 31.77 8.63
C THR C 23 -28.28 31.95 9.49
N PHE C 24 -27.12 31.73 8.89
CA PHE C 24 -25.84 31.88 9.55
C PHE C 24 -25.82 33.20 10.33
N ARG C 25 -25.79 34.30 9.58
CA ARG C 25 -25.76 35.64 10.13
C ARG C 25 -26.56 35.84 11.43
N SER C 26 -27.77 35.29 11.49
CA SER C 26 -28.59 35.46 12.69
C SER C 26 -28.42 34.34 13.71
N ILE C 27 -27.74 33.26 13.32
CA ILE C 27 -27.55 32.13 14.22
C ILE C 27 -26.37 32.32 15.16
N VAL C 28 -25.30 32.93 14.65
CA VAL C 28 -24.10 33.18 15.43
C VAL C 28 -24.38 33.92 16.74
N PRO C 29 -25.27 34.93 16.70
CA PRO C 29 -25.59 35.68 17.92
C PRO C 29 -25.92 34.82 19.15
N ALA C 30 -26.85 33.88 18.99
CA ALA C 30 -27.25 33.03 20.11
C ALA C 30 -26.66 31.63 20.09
N ILE C 31 -25.34 31.53 19.97
CA ILE C 31 -24.68 30.22 19.95
C ILE C 31 -24.46 29.69 21.37
N SER C 32 -24.74 30.51 22.37
CA SER C 32 -24.56 30.10 23.77
C SER C 32 -25.76 30.41 24.67
N GLY C 33 -26.68 29.46 24.80
CA GLY C 33 -27.84 29.66 25.65
C GLY C 33 -29.09 28.88 25.28
N GLY C 34 -28.96 27.90 24.39
CA GLY C 34 -30.12 27.12 23.99
C GLY C 34 -29.92 25.61 23.97
N GLY C 35 -28.83 25.14 24.59
CA GLY C 35 -28.56 23.71 24.62
C GLY C 35 -28.33 23.14 23.25
N SER C 36 -27.53 22.08 23.15
CA SER C 36 -27.25 21.47 21.85
C SER C 36 -27.12 19.95 21.96
N GLU C 37 -27.44 19.25 20.86
CA GLU C 37 -27.34 17.80 20.84
C GLU C 37 -26.10 17.33 20.13
N THR C 38 -25.39 18.26 19.48
CA THR C 38 -24.19 17.92 18.71
C THR C 38 -23.25 16.97 19.44
N ALA C 39 -23.03 17.23 20.73
CA ALA C 39 -22.16 16.37 21.51
C ALA C 39 -22.66 14.94 21.44
N ALA C 40 -23.96 14.74 21.63
CA ALA C 40 -24.54 13.40 21.57
C ALA C 40 -24.40 12.88 20.15
N PHE C 41 -24.68 13.74 19.17
CA PHE C 41 -24.58 13.35 17.76
C PHE C 41 -23.24 12.71 17.47
N ALA C 42 -22.21 13.11 18.20
CA ALA C 42 -20.88 12.56 17.97
C ALA C 42 -20.80 11.06 18.17
N ASN C 43 -21.80 10.48 18.84
CA ASN C 43 -21.82 9.04 19.08
C ASN C 43 -22.36 8.28 17.88
N ALA C 44 -22.95 9.00 16.94
CA ALA C 44 -23.52 8.37 15.77
C ALA C 44 -23.39 9.25 14.54
N ARG C 45 -22.16 9.46 14.09
CA ARG C 45 -21.90 10.26 12.90
C ARG C 45 -22.57 9.52 11.74
N MET C 46 -23.38 10.22 10.97
CA MET C 46 -24.11 9.59 9.87
C MET C 46 -23.97 10.25 8.50
N ASP C 47 -24.27 9.47 7.48
CA ASP C 47 -24.25 9.92 6.09
C ASP C 47 -25.61 9.56 5.49
N TRP C 48 -26.12 10.44 4.64
CA TRP C 48 -27.39 10.21 3.99
C TRP C 48 -27.17 10.41 2.48
N LYS C 49 -27.20 9.29 1.75
CA LYS C 49 -27.00 9.32 0.31
C LYS C 49 -28.31 8.95 -0.38
N GLU C 50 -28.67 9.70 -1.42
CA GLU C 50 -29.90 9.42 -2.15
C GLU C 50 -29.62 8.97 -3.57
N THR C 51 -29.64 7.67 -3.79
CA THR C 51 -29.42 7.13 -5.13
C THR C 51 -30.79 7.16 -5.80
N PRO C 52 -30.84 6.84 -7.11
CA PRO C 52 -32.14 6.86 -7.78
C PRO C 52 -33.04 5.75 -7.25
N GLU C 53 -32.42 4.65 -6.83
CA GLU C 53 -33.14 3.49 -6.34
C GLU C 53 -33.60 3.58 -4.88
N ALA C 54 -32.83 4.26 -4.04
CA ALA C 54 -33.19 4.37 -2.64
C ALA C 54 -32.33 5.32 -1.81
N HIS C 55 -32.81 5.60 -0.59
CA HIS C 55 -32.10 6.44 0.35
C HIS C 55 -31.24 5.48 1.17
N VAL C 56 -29.94 5.76 1.27
CA VAL C 56 -29.07 4.88 2.05
C VAL C 56 -28.43 5.64 3.20
N PHE C 57 -28.77 5.22 4.42
CA PHE C 57 -28.22 5.86 5.61
C PHE C 57 -27.14 4.97 6.20
N LYS C 58 -26.05 5.60 6.67
CA LYS C 58 -24.98 4.85 7.30
C LYS C 58 -24.52 5.58 8.55
N ALA C 59 -24.42 4.85 9.65
CA ALA C 59 -24.00 5.44 10.90
C ALA C 59 -22.90 4.61 11.55
N ASP C 60 -21.91 5.27 12.14
CA ASP C 60 -20.83 4.58 12.80
C ASP C 60 -21.23 4.27 14.25
N LEU C 61 -21.41 2.99 14.56
CA LEU C 61 -21.78 2.59 15.90
C LEU C 61 -20.85 1.49 16.37
N PRO C 62 -19.54 1.76 16.41
CA PRO C 62 -18.57 0.75 16.84
C PRO C 62 -18.86 0.23 18.24
N GLY C 63 -18.75 -1.09 18.40
CA GLY C 63 -18.99 -1.71 19.69
C GLY C 63 -20.46 -1.89 20.02
N VAL C 64 -21.34 -1.32 19.21
CA VAL C 64 -22.76 -1.43 19.46
C VAL C 64 -23.34 -2.67 18.82
N LYS C 65 -24.19 -3.38 19.57
CA LYS C 65 -24.83 -4.60 19.08
C LYS C 65 -26.30 -4.34 18.79
N LYS C 66 -26.90 -5.17 17.94
CA LYS C 66 -28.30 -4.99 17.56
C LYS C 66 -29.31 -4.84 18.69
N GLU C 67 -28.98 -5.30 19.89
CA GLU C 67 -29.90 -5.17 21.02
C GLU C 67 -29.79 -3.77 21.62
N GLU C 68 -28.70 -3.08 21.29
CA GLU C 68 -28.42 -1.74 21.79
C GLU C 68 -28.88 -0.63 20.84
N VAL C 69 -29.13 -0.96 19.59
CA VAL C 69 -29.58 0.04 18.62
C VAL C 69 -31.06 -0.18 18.32
N LYS C 70 -31.70 0.85 17.76
CA LYS C 70 -33.11 0.77 17.43
C LYS C 70 -33.43 1.65 16.24
N VAL C 71 -33.92 1.04 15.17
CA VAL C 71 -34.30 1.78 13.97
C VAL C 71 -35.82 1.78 13.84
N GLU C 72 -36.40 2.95 13.60
CA GLU C 72 -37.85 3.06 13.48
C GLU C 72 -38.33 4.07 12.46
N VAL C 73 -39.65 4.16 12.32
CA VAL C 73 -40.27 5.10 11.40
C VAL C 73 -41.43 5.77 12.15
N GLU C 74 -41.40 7.10 12.20
CA GLU C 74 -42.45 7.85 12.88
C GLU C 74 -43.18 8.72 11.86
N ASP C 75 -44.42 9.07 12.17
CA ASP C 75 -45.25 9.90 11.30
C ASP C 75 -45.16 9.47 9.85
N GLY C 76 -45.09 8.18 9.62
CA GLY C 76 -45.02 7.66 8.27
C GLY C 76 -43.77 7.97 7.47
N ASN C 77 -43.26 9.20 7.54
CA ASN C 77 -42.08 9.57 6.75
C ASN C 77 -40.88 10.08 7.55
N VAL C 78 -40.68 9.56 8.76
CA VAL C 78 -39.56 10.00 9.59
C VAL C 78 -38.74 8.83 10.14
N LEU C 79 -37.52 8.68 9.62
CA LEU C 79 -36.63 7.61 10.07
C LEU C 79 -35.99 8.05 11.39
N VAL C 80 -35.92 7.13 12.35
CA VAL C 80 -35.35 7.44 13.65
C VAL C 80 -34.31 6.41 14.04
N VAL C 81 -33.13 6.87 14.43
CA VAL C 81 -32.05 5.99 14.85
C VAL C 81 -31.68 6.37 16.28
N SER C 82 -31.58 5.39 17.17
CA SER C 82 -31.25 5.67 18.55
C SER C 82 -30.71 4.46 19.29
N GLY C 83 -29.80 4.71 20.24
CA GLY C 83 -29.22 3.63 21.01
C GLY C 83 -28.20 4.12 22.02
N GLU C 84 -27.41 3.20 22.58
CA GLU C 84 -26.38 3.54 23.55
C GLU C 84 -25.51 2.32 23.80
N ARG C 85 -24.24 2.40 23.44
CA ARG C 85 -23.34 1.28 23.64
C ARG C 85 -23.26 0.94 25.12
N THR C 86 -23.31 -0.35 25.44
CA THR C 86 -23.24 -0.81 26.81
C THR C 86 -21.85 -0.55 27.36
N LYS C 87 -21.77 -0.24 28.65
CA LYS C 87 -20.49 0.01 29.29
C LYS C 87 -19.70 -1.28 29.18
N GLU C 88 -18.45 -1.18 28.74
CA GLU C 88 -17.61 -2.36 28.59
C GLU C 88 -17.26 -2.99 29.93
N LYS C 89 -16.77 -4.22 29.90
CA LYS C 89 -16.40 -4.94 31.11
C LYS C 89 -15.47 -4.13 32.01
N GLU C 90 -15.78 -4.12 33.30
CA GLU C 90 -15.00 -3.38 34.28
C GLU C 90 -14.44 -4.28 35.38
N ASP C 91 -13.31 -3.88 35.96
CA ASP C 91 -12.69 -4.64 37.03
C ASP C 91 -11.95 -3.73 38.01
N LYS C 92 -12.26 -3.90 39.29
CA LYS C 92 -11.65 -3.10 40.35
C LYS C 92 -10.14 -2.92 40.22
N ASN C 93 -9.47 -3.85 39.54
CA ASN C 93 -8.01 -3.79 39.37
C ASN C 93 -7.55 -3.17 38.06
N ASP C 94 -8.48 -2.65 37.27
CA ASP C 94 -8.14 -2.05 35.99
C ASP C 94 -7.49 -0.68 36.15
N LYS C 95 -6.48 -0.42 35.32
CA LYS C 95 -5.79 0.86 35.34
C LYS C 95 -5.94 1.49 33.97
N TRP C 96 -6.55 2.67 33.92
CA TRP C 96 -6.74 3.35 32.66
C TRP C 96 -5.60 4.30 32.38
N HIS C 97 -4.73 3.93 31.45
CA HIS C 97 -3.60 4.77 31.08
C HIS C 97 -4.05 5.90 30.18
N ARG C 98 -5.04 5.62 29.35
CA ARG C 98 -5.57 6.59 28.39
C ARG C 98 -6.97 6.19 27.97
N VAL C 99 -7.83 7.18 27.73
CA VAL C 99 -9.19 6.90 27.30
C VAL C 99 -9.68 7.94 26.32
N GLU C 100 -9.69 7.58 25.04
CA GLU C 100 -10.16 8.49 24.01
C GLU C 100 -11.55 8.06 23.57
N ARG C 101 -11.85 6.77 23.71
CA ARG C 101 -13.15 6.25 23.29
C ARG C 101 -14.27 6.48 24.26
N SER C 102 -15.29 7.23 23.83
CA SER C 102 -16.44 7.49 24.67
C SER C 102 -17.72 7.30 23.88
N SER C 103 -18.66 6.58 24.47
CA SER C 103 -19.94 6.34 23.83
C SER C 103 -21.02 6.97 24.68
N GLY C 104 -22.23 7.07 24.13
CA GLY C 104 -23.32 7.68 24.86
C GLY C 104 -24.61 7.57 24.10
N LYS C 105 -25.71 7.87 24.78
CA LYS C 105 -27.02 7.82 24.16
C LYS C 105 -27.03 8.78 22.96
N PHE C 106 -27.94 8.55 22.02
CA PHE C 106 -28.06 9.39 20.84
C PHE C 106 -29.40 9.17 20.13
N VAL C 107 -29.87 10.19 19.43
CA VAL C 107 -31.12 10.10 18.69
C VAL C 107 -30.94 10.93 17.44
N ARG C 108 -31.11 10.30 16.28
CA ARG C 108 -30.97 10.99 15.01
C ARG C 108 -32.25 10.77 14.19
N ARG C 109 -32.85 11.87 13.75
CA ARG C 109 -34.06 11.79 12.95
C ARG C 109 -33.89 12.40 11.57
N PHE C 110 -34.49 11.76 10.57
CA PHE C 110 -34.42 12.23 9.20
C PHE C 110 -35.82 12.19 8.58
N ARG C 111 -36.10 13.13 7.69
CA ARG C 111 -37.40 13.19 7.04
C ARG C 111 -37.35 12.71 5.60
N LEU C 112 -37.77 11.47 5.36
CA LEU C 112 -37.79 10.93 3.99
C LEU C 112 -38.54 11.91 3.11
N LEU C 113 -38.04 12.14 1.91
CA LEU C 113 -38.68 13.07 0.99
C LEU C 113 -40.07 12.60 0.58
N GLU C 114 -40.36 11.33 0.90
CA GLU C 114 -41.65 10.72 0.61
C GLU C 114 -41.98 9.84 1.79
N ASP C 115 -43.07 9.08 1.71
CA ASP C 115 -43.44 8.19 2.81
C ASP C 115 -42.66 6.88 2.73
N ALA C 116 -42.27 6.39 3.90
CA ALA C 116 -41.49 5.17 3.99
C ALA C 116 -42.30 3.89 3.80
N LYS C 117 -41.72 2.95 3.07
CA LYS C 117 -42.32 1.66 2.79
C LYS C 117 -41.87 0.71 3.90
N VAL C 118 -42.27 1.01 5.13
CA VAL C 118 -41.92 0.23 6.31
C VAL C 118 -41.53 -1.23 6.09
N GLU C 119 -42.24 -1.93 5.20
CA GLU C 119 -41.94 -3.33 4.92
C GLU C 119 -40.71 -3.50 4.05
N GLU C 120 -40.36 -2.45 3.31
CA GLU C 120 -39.22 -2.48 2.40
C GLU C 120 -37.94 -1.89 3.00
N VAL C 121 -38.03 -1.30 4.19
CA VAL C 121 -36.86 -0.73 4.83
C VAL C 121 -36.03 -1.85 5.44
N LYS C 122 -34.73 -1.82 5.19
CA LYS C 122 -33.84 -2.84 5.72
C LYS C 122 -32.67 -2.25 6.49
N ALA C 123 -32.52 -2.70 7.75
CA ALA C 123 -31.45 -2.22 8.61
C ALA C 123 -30.43 -3.33 8.87
N GLY C 124 -29.17 -3.03 8.58
CA GLY C 124 -28.11 -4.00 8.79
C GLY C 124 -27.02 -3.42 9.66
N LEU C 125 -26.32 -4.28 10.40
CA LEU C 125 -25.26 -3.83 11.28
C LEU C 125 -24.00 -4.68 11.07
N GLU C 126 -23.01 -4.11 10.39
CA GLU C 126 -21.76 -4.82 10.11
C GLU C 126 -20.49 -4.02 10.38
N ASN C 127 -19.49 -4.68 10.96
CA ASN C 127 -18.21 -4.04 11.26
C ASN C 127 -18.32 -2.67 11.92
N GLY C 128 -19.23 -2.52 12.87
CA GLY C 128 -19.39 -1.25 13.56
C GLY C 128 -20.26 -0.23 12.88
N VAL C 129 -20.69 -0.51 11.65
CA VAL C 129 -21.53 0.42 10.94
C VAL C 129 -22.94 -0.10 10.69
N LEU C 130 -23.93 0.76 10.88
CA LEU C 130 -25.32 0.41 10.67
C LEU C 130 -25.76 1.02 9.36
N THR C 131 -26.38 0.21 8.51
CA THR C 131 -26.86 0.71 7.22
C THR C 131 -28.36 0.57 7.16
N VAL C 132 -29.03 1.62 6.71
CA VAL C 132 -30.48 1.61 6.59
C VAL C 132 -30.86 2.07 5.20
N THR C 133 -31.40 1.16 4.40
CA THR C 133 -31.81 1.48 3.04
C THR C 133 -33.32 1.58 2.92
N VAL C 134 -33.78 2.73 2.43
CA VAL C 134 -35.20 2.96 2.25
C VAL C 134 -35.49 3.01 0.74
N PRO C 135 -35.95 1.90 0.16
CA PRO C 135 -36.25 1.82 -1.27
C PRO C 135 -37.23 2.90 -1.72
N LYS C 136 -36.99 3.45 -2.90
CA LYS C 136 -37.84 4.50 -3.45
C LYS C 136 -38.77 3.91 -4.51
N ALA C 137 -40.08 4.14 -4.36
CA ALA C 137 -41.02 3.64 -5.34
C ALA C 137 -40.88 4.53 -6.58
N GLU C 138 -40.55 3.93 -7.71
CA GLU C 138 -40.37 4.69 -8.96
C GLU C 138 -41.67 5.35 -9.41
N VAL C 139 -41.58 6.61 -9.83
CA VAL C 139 -42.76 7.35 -10.26
C VAL C 139 -42.65 7.96 -11.67
N LYS C 140 -42.44 7.10 -12.67
CA LYS C 140 -42.36 7.50 -14.07
C LYS C 140 -41.27 8.53 -14.44
N LYS C 141 -41.01 9.47 -13.54
CA LYS C 141 -40.02 10.53 -13.74
C LYS C 141 -40.65 11.71 -14.49
N PRO C 142 -41.24 12.68 -13.76
CA PRO C 142 -41.85 13.84 -14.43
C PRO C 142 -40.81 14.56 -15.28
N GLU C 143 -40.99 14.56 -16.60
CA GLU C 143 -40.02 15.16 -17.50
C GLU C 143 -40.01 16.68 -17.70
N VAL C 144 -38.79 17.20 -17.70
CA VAL C 144 -38.48 18.61 -17.85
C VAL C 144 -39.15 19.29 -19.04
N LYS C 145 -39.17 20.62 -19.00
CA LYS C 145 -39.74 21.45 -20.04
C LYS C 145 -38.67 22.39 -20.57
N ALA C 146 -38.51 22.42 -21.89
CA ALA C 146 -37.51 23.27 -22.54
C ALA C 146 -38.09 24.66 -22.76
N ILE C 147 -37.51 25.65 -22.09
CA ILE C 147 -37.98 27.03 -22.22
C ILE C 147 -37.06 27.89 -23.06
N GLN C 148 -37.38 28.03 -24.35
CA GLN C 148 -36.59 28.85 -25.26
C GLN C 148 -36.47 30.26 -24.71
N ILE C 149 -35.24 30.76 -24.60
CA ILE C 149 -35.02 32.11 -24.09
C ILE C 149 -34.98 33.15 -25.20
N SER C 150 -35.79 34.18 -25.05
CA SER C 150 -35.84 35.25 -26.04
C SER C 150 -34.83 36.32 -25.62
N GLY C 151 -34.33 37.08 -26.59
CA GLY C 151 -33.37 38.11 -26.28
C GLY C 151 -32.26 38.24 -27.29
N ALA D 42 -10.18 11.08 9.57
CA ALA D 42 -9.47 9.77 9.54
C ALA D 42 -8.71 9.56 10.84
N ASN D 43 -9.41 9.67 11.96
CA ASN D 43 -8.80 9.49 13.27
C ASN D 43 -9.40 8.31 14.03
N ALA D 44 -8.56 7.33 14.38
CA ALA D 44 -9.01 6.15 15.11
C ALA D 44 -8.81 6.32 16.61
N ARG D 45 -9.91 6.43 17.34
CA ARG D 45 -9.86 6.59 18.79
C ARG D 45 -9.37 5.32 19.47
N MET D 46 -8.51 5.47 20.46
CA MET D 46 -7.98 4.31 21.17
C MET D 46 -7.92 4.49 22.68
N ASP D 47 -8.01 3.36 23.38
CA ASP D 47 -7.92 3.35 24.82
C ASP D 47 -6.75 2.48 25.19
N TRP D 48 -6.16 2.74 26.35
CA TRP D 48 -5.05 1.95 26.82
C TRP D 48 -5.28 1.63 28.29
N LYS D 49 -5.70 0.39 28.56
CA LYS D 49 -5.93 -0.05 29.92
C LYS D 49 -4.93 -1.14 30.25
N GLU D 50 -4.73 -1.37 31.55
CA GLU D 50 -3.80 -2.39 32.01
C GLU D 50 -4.41 -3.21 33.12
N THR D 51 -4.67 -4.48 32.84
CA THR D 51 -5.21 -5.37 33.84
C THR D 51 -3.99 -5.92 34.57
N PRO D 52 -4.20 -6.67 35.65
CA PRO D 52 -3.01 -7.20 36.34
C PRO D 52 -2.26 -8.18 35.43
N GLU D 53 -3.00 -8.77 34.50
CA GLU D 53 -2.44 -9.74 33.55
C GLU D 53 -1.88 -9.19 32.26
N ALA D 54 -2.51 -8.17 31.71
CA ALA D 54 -2.03 -7.62 30.45
C ALA D 54 -2.32 -6.15 30.22
N HIS D 55 -1.84 -5.69 29.05
CA HIS D 55 -2.05 -4.33 28.60
C HIS D 55 -3.05 -4.52 27.46
N VAL D 56 -4.21 -3.91 27.61
CA VAL D 56 -5.24 -4.04 26.58
C VAL D 56 -5.54 -2.73 25.88
N PHE D 57 -5.30 -2.72 24.57
CA PHE D 57 -5.55 -1.54 23.75
C PHE D 57 -6.80 -1.76 22.92
N LYS D 58 -7.68 -0.77 22.92
CA LYS D 58 -8.92 -0.85 22.16
C LYS D 58 -8.90 0.27 21.12
N ALA D 59 -9.49 0.03 19.95
CA ALA D 59 -9.52 1.05 18.91
C ALA D 59 -10.80 0.96 18.10
N ASP D 60 -11.42 2.11 17.86
CA ASP D 60 -12.66 2.16 17.07
C ASP D 60 -12.31 2.29 15.59
N LEU D 61 -12.60 1.25 14.83
CA LEU D 61 -12.33 1.25 13.39
C LEU D 61 -13.60 0.86 12.65
N PRO D 62 -14.69 1.60 12.89
CA PRO D 62 -15.94 1.26 12.21
C PRO D 62 -15.80 1.23 10.70
N GLY D 63 -16.43 0.23 10.08
CA GLY D 63 -16.40 0.11 8.64
C GLY D 63 -15.09 -0.34 8.04
N VAL D 64 -14.21 -0.89 8.87
CA VAL D 64 -12.93 -1.37 8.37
C VAL D 64 -12.91 -2.89 8.38
N LYS D 65 -12.65 -3.48 7.21
CA LYS D 65 -12.60 -4.94 7.08
C LYS D 65 -11.26 -5.48 7.57
N LYS D 66 -11.32 -6.63 8.25
CA LYS D 66 -10.13 -7.27 8.80
C LYS D 66 -8.88 -7.21 7.93
N GLU D 67 -9.05 -7.27 6.61
CA GLU D 67 -7.92 -7.25 5.70
C GLU D 67 -7.43 -5.85 5.35
N GLU D 68 -8.02 -4.85 5.97
CA GLU D 68 -7.62 -3.47 5.72
C GLU D 68 -6.86 -2.93 6.93
N VAL D 69 -6.93 -3.67 8.03
CA VAL D 69 -6.26 -3.30 9.26
C VAL D 69 -4.92 -4.02 9.31
N LYS D 70 -4.06 -3.63 10.25
CA LYS D 70 -2.76 -4.25 10.39
C LYS D 70 -2.12 -3.88 11.73
N VAL D 71 -2.04 -4.85 12.63
CA VAL D 71 -1.43 -4.62 13.93
C VAL D 71 0.01 -5.11 13.84
N GLU D 72 0.95 -4.29 14.31
CA GLU D 72 2.36 -4.66 14.27
C GLU D 72 3.12 -4.18 15.49
N VAL D 73 4.36 -4.64 15.60
CA VAL D 73 5.24 -4.25 16.69
C VAL D 73 6.58 -3.90 16.05
N GLU D 74 6.79 -2.61 15.83
CA GLU D 74 8.04 -2.13 15.22
C GLU D 74 9.04 -1.82 16.31
N ASP D 75 10.31 -1.77 15.94
CA ASP D 75 11.39 -1.45 16.87
C ASP D 75 11.29 -2.20 18.20
N GLY D 76 10.90 -3.47 18.11
CA GLY D 76 10.79 -4.31 19.29
C GLY D 76 9.72 -4.02 20.32
N ASN D 77 9.45 -2.75 20.62
CA ASN D 77 8.45 -2.43 21.63
C ASN D 77 7.46 -1.32 21.27
N VAL D 78 7.16 -1.16 19.99
CA VAL D 78 6.22 -0.12 19.57
C VAL D 78 5.01 -0.73 18.85
N LEU D 79 3.88 -0.73 19.52
CA LEU D 79 2.66 -1.28 18.94
C LEU D 79 2.21 -0.32 17.85
N VAL D 80 1.81 -0.86 16.71
CA VAL D 80 1.37 -0.02 15.60
C VAL D 80 0.11 -0.55 14.94
N VAL D 81 -0.97 0.20 15.09
CA VAL D 81 -2.25 -0.14 14.49
C VAL D 81 -2.49 0.81 13.32
N SER D 82 -2.42 0.29 12.10
CA SER D 82 -2.61 1.11 10.92
C SER D 82 -3.48 0.44 9.87
N GLY D 83 -4.04 1.27 8.99
CA GLY D 83 -4.90 0.79 7.93
C GLY D 83 -5.67 1.97 7.40
N GLU D 84 -6.79 1.72 6.74
CA GLU D 84 -7.59 2.81 6.20
C GLU D 84 -9.04 2.42 5.96
N ARG D 85 -9.91 3.42 5.88
CA ARG D 85 -11.31 3.21 5.61
C ARG D 85 -11.56 3.85 4.25
N THR D 86 -12.08 3.06 3.31
CA THR D 86 -12.34 3.56 1.97
C THR D 86 -13.74 4.11 1.75
N LYS D 87 -13.84 4.96 0.72
CA LYS D 87 -15.09 5.61 0.33
C LYS D 87 -15.67 4.94 -0.91
N GLU D 88 -17.00 4.96 -1.04
CA GLU D 88 -17.64 4.40 -2.22
C GLU D 88 -17.57 5.43 -3.33
N LYS D 89 -16.90 5.08 -4.41
CA LYS D 89 -16.74 5.98 -5.55
C LYS D 89 -18.11 6.48 -6.04
N GLU D 90 -18.18 7.77 -6.33
CA GLU D 90 -19.42 8.40 -6.79
C GLU D 90 -19.98 7.81 -8.07
N ASP D 91 -21.30 7.65 -8.13
CA ASP D 91 -21.94 7.15 -9.34
C ASP D 91 -22.36 8.41 -10.08
N LYS D 92 -22.15 9.54 -9.43
CA LYS D 92 -22.49 10.84 -9.98
C LYS D 92 -23.99 10.95 -10.17
N ASN D 93 -24.67 9.82 -10.12
CA ASN D 93 -26.12 9.76 -10.25
C ASN D 93 -26.71 9.42 -8.88
N ASP D 94 -26.16 10.04 -7.85
CA ASP D 94 -26.61 9.87 -6.48
C ASP D 94 -26.19 11.14 -5.77
N LYS D 95 -26.98 11.58 -4.80
CA LYS D 95 -26.66 12.81 -4.09
C LYS D 95 -26.57 12.63 -2.58
N TRP D 96 -25.72 13.43 -1.95
CA TRP D 96 -25.53 13.37 -0.51
C TRP D 96 -26.25 14.51 0.18
N HIS D 97 -27.16 14.17 1.09
CA HIS D 97 -27.90 15.18 1.83
C HIS D 97 -27.21 15.47 3.16
N ARG D 98 -26.38 14.54 3.61
CA ARG D 98 -25.66 14.69 4.87
C ARG D 98 -24.39 13.87 4.85
N VAL D 99 -23.29 14.44 5.33
CA VAL D 99 -22.01 13.72 5.37
C VAL D 99 -21.24 14.06 6.63
N GLU D 100 -21.11 13.09 7.54
CA GLU D 100 -20.39 13.31 8.78
C GLU D 100 -19.28 12.28 8.99
N ARG D 101 -19.39 11.14 8.33
CA ARG D 101 -18.40 10.09 8.48
C ARG D 101 -17.11 10.41 7.73
N SER D 102 -15.98 10.09 8.36
CA SER D 102 -14.67 10.36 7.76
C SER D 102 -14.18 9.13 7.01
N SER D 103 -13.05 9.27 6.34
CA SER D 103 -12.46 8.17 5.60
C SER D 103 -10.98 8.47 5.39
N GLY D 104 -10.22 7.46 4.96
CA GLY D 104 -8.80 7.67 4.75
C GLY D 104 -7.96 6.84 5.68
N LYS D 105 -6.65 6.83 5.45
CA LYS D 105 -5.74 6.06 6.28
C LYS D 105 -5.80 6.50 7.72
N PHE D 106 -5.15 5.71 8.59
CA PHE D 106 -5.07 6.01 10.01
C PHE D 106 -3.86 5.29 10.58
N VAL D 107 -3.29 5.83 11.65
CA VAL D 107 -2.12 5.22 12.29
C VAL D 107 -2.05 5.58 13.77
N ARG D 108 -1.77 4.59 14.60
CA ARG D 108 -1.65 4.83 16.03
C ARG D 108 -0.50 4.00 16.58
N ARG D 109 0.38 4.65 17.35
CA ARG D 109 1.52 3.97 17.92
C ARG D 109 1.60 4.14 19.43
N PHE D 110 1.87 3.03 20.11
CA PHE D 110 2.02 3.02 21.56
C PHE D 110 3.32 2.29 21.88
N ARG D 111 4.15 2.89 22.73
CA ARG D 111 5.39 2.24 23.09
C ARG D 111 5.10 1.31 24.27
N LEU D 112 5.14 0.01 23.99
CA LEU D 112 4.87 -1.00 25.00
C LEU D 112 5.89 -0.88 26.10
N LEU D 113 5.44 -1.05 27.35
CA LEU D 113 6.33 -0.97 28.50
C LEU D 113 7.26 -2.18 28.58
N GLU D 114 8.16 -2.18 29.55
CA GLU D 114 9.13 -3.27 29.70
C GLU D 114 8.52 -4.63 30.05
N ASP D 115 7.48 -4.63 30.86
CA ASP D 115 6.83 -5.88 31.26
C ASP D 115 6.04 -6.52 30.13
N ALA D 116 6.03 -5.91 28.96
CA ALA D 116 5.28 -6.45 27.83
C ALA D 116 5.94 -7.66 27.18
N LYS D 117 5.14 -8.68 26.92
CA LYS D 117 5.63 -9.91 26.28
C LYS D 117 5.24 -9.85 24.80
N VAL D 118 6.05 -9.12 24.04
CA VAL D 118 5.84 -8.91 22.61
C VAL D 118 5.51 -10.13 21.74
N GLU D 119 6.13 -11.27 22.02
CA GLU D 119 5.87 -12.46 21.22
C GLU D 119 4.49 -13.08 21.47
N GLU D 120 3.74 -12.49 22.40
CA GLU D 120 2.42 -13.01 22.72
C GLU D 120 1.29 -12.02 22.48
N VAL D 121 1.53 -11.06 21.59
CA VAL D 121 0.51 -10.06 21.27
C VAL D 121 -0.55 -10.69 20.39
N LYS D 122 -1.81 -10.45 20.73
CA LYS D 122 -2.91 -10.99 19.94
C LYS D 122 -3.97 -9.93 19.72
N ALA D 123 -4.44 -9.80 18.49
CA ALA D 123 -5.45 -8.81 18.14
C ALA D 123 -6.76 -9.44 17.69
N GLY D 124 -7.86 -8.76 18.00
CA GLY D 124 -9.18 -9.24 17.63
C GLY D 124 -9.98 -8.09 17.05
N LEU D 125 -10.91 -8.39 16.14
CA LEU D 125 -11.72 -7.36 15.50
C LEU D 125 -13.19 -7.75 15.52
N GLU D 126 -13.98 -7.07 16.33
CA GLU D 126 -15.41 -7.37 16.44
C GLU D 126 -16.29 -6.14 16.60
N ASN D 127 -17.15 -5.92 15.62
CA ASN D 127 -18.09 -4.78 15.61
C ASN D 127 -17.41 -3.42 15.44
N GLY D 128 -16.40 -3.36 14.58
CA GLY D 128 -15.72 -2.09 14.34
C GLY D 128 -14.77 -1.70 15.46
N VAL D 129 -14.55 -2.64 16.39
CA VAL D 129 -13.64 -2.40 17.51
C VAL D 129 -12.49 -3.40 17.45
N LEU D 130 -11.28 -2.88 17.57
CA LEU D 130 -10.08 -3.71 17.55
C LEU D 130 -9.52 -3.84 18.95
N THR D 131 -9.42 -5.07 19.44
CA THR D 131 -8.88 -5.30 20.78
C THR D 131 -7.50 -5.93 20.70
N VAL D 132 -6.49 -5.21 21.15
CA VAL D 132 -5.13 -5.72 21.13
C VAL D 132 -4.72 -6.03 22.57
N THR D 133 -4.30 -7.27 22.80
CA THR D 133 -3.87 -7.68 24.13
C THR D 133 -2.39 -7.99 24.16
N VAL D 134 -1.68 -7.36 25.08
CA VAL D 134 -0.25 -7.56 25.25
C VAL D 134 0.02 -8.04 26.67
N PRO D 135 0.14 -9.36 26.87
CA PRO D 135 0.38 -9.94 28.19
C PRO D 135 1.61 -9.36 28.88
N LYS D 136 1.55 -9.30 30.20
CA LYS D 136 2.65 -8.78 31.00
C LYS D 136 3.52 -9.96 31.44
N ALA D 137 4.79 -9.70 31.71
CA ALA D 137 5.72 -10.74 32.14
C ALA D 137 5.11 -11.59 33.25
N GLU D 138 4.55 -10.93 34.26
CA GLU D 138 3.95 -11.63 35.38
C GLU D 138 2.80 -10.84 35.99
N VAL D 139 1.70 -11.53 36.27
CA VAL D 139 0.53 -10.90 36.86
C VAL D 139 0.97 -9.94 37.95
N LYS D 140 0.42 -8.73 37.93
CA LYS D 140 0.79 -7.71 38.92
C LYS D 140 -0.21 -6.58 38.99
N LYS D 141 -0.67 -6.26 40.20
CA LYS D 141 -1.61 -5.16 40.38
C LYS D 141 -0.82 -3.86 40.43
N PRO D 142 -1.32 -2.83 39.72
CA PRO D 142 -0.66 -1.52 39.66
C PRO D 142 -0.45 -0.86 41.02
N GLU D 143 0.71 -0.23 41.20
CA GLU D 143 1.05 0.43 42.45
C GLU D 143 0.14 1.65 42.65
N VAL D 144 -1.00 1.43 43.28
CA VAL D 144 -1.96 2.49 43.52
C VAL D 144 -2.50 2.37 44.94
N LYS D 145 -3.02 3.46 45.48
CA LYS D 145 -3.57 3.44 46.83
C LYS D 145 -4.88 4.21 46.95
N ALA D 146 -5.98 3.47 46.91
CA ALA D 146 -7.32 4.03 46.97
C ALA D 146 -7.53 5.10 48.02
N ILE D 147 -8.56 5.93 47.81
CA ILE D 147 -8.91 7.02 48.72
C ILE D 147 -10.43 7.08 48.79
N GLN D 148 -11.00 6.32 49.72
CA GLN D 148 -12.44 6.23 49.93
C GLN D 148 -13.19 7.53 49.66
N ILE D 149 -14.35 7.40 49.04
CA ILE D 149 -15.19 8.54 48.71
C ILE D 149 -16.48 8.51 49.53
N SER D 150 -16.72 9.59 50.25
CA SER D 150 -17.92 9.69 51.08
C SER D 150 -19.10 10.24 50.27
N GLY D 151 -19.89 9.32 49.72
CA GLY D 151 -21.04 9.72 48.93
C GLY D 151 -22.37 9.47 49.63
#